data_6X94
#
_entry.id   6X94
#
_cell.length_a   72.782
_cell.length_b   159.415
_cell.length_c   84.004
_cell.angle_alpha   90.000
_cell.angle_beta   90.000
_cell.angle_gamma   90.000
#
_symmetry.space_group_name_H-M   'C 2 2 21'
#
loop_
_entity.id
_entity.type
_entity.pdbx_description
1 polymer 'Serine--tRNA ligase'
2 non-polymer "5'-O-(N-(L-SERYL)-SULFAMOYL)ADENOSINE"
3 non-polymer DI(HYDROXYETHYL)ETHER
4 non-polymer 'DIMETHYL SULFOXIDE'
5 non-polymer 'THIOCYANATE ION'
6 non-polymer 'POTASSIUM ION'
7 non-polymer 'CHLORIDE ION'
8 water water
#
_entity_poly.entity_id   1
_entity_poly.type   'polypeptide(L)'
_entity_poly.pdbx_seq_one_letter_code
;MLELKFVRNNPDIVGRALISRNMGTELIDSLLEYDAAWRECLIEGDDLKHKRNVVTREIAQLKKENKDAASRINEMQGIN
SRIKELDDKIRDYKSKINEIMLSIPNIPSETTPVGKDENDNPVVRVVGEPREFTFTPKPHWEIGESLDILDFERAAKISG
QGFAVYKGMGAKLERALINFMLDVHTRQGYLEVFPPVLINEKAMTGTGQLPKFKDDMYGCTDGFYLAPTAEVPVTNLFMD
EYMENLPVFLTAYTACFRREAGKHGQDTRGIIRNHQFNKVELVKFVMPETSYEELEKLTLDAEEILKLLKLPYRVVSLCT
GDLGFSAAKTYDLEVWVPTQEKYREISSCSNFDNFQARRANIRYRTPEGPQFVHTLNGSGLAVGRTVVAILENYQREDGS
VVIPEVLRPYMGGAEVIRPEHHHHHH
;
_entity_poly.pdbx_strand_id   A
#
loop_
_chem_comp.id
_chem_comp.type
_chem_comp.name
_chem_comp.formula
CL non-polymer 'CHLORIDE ION' 'Cl -1'
DMS non-polymer 'DIMETHYL SULFOXIDE' 'C2 H6 O S'
K non-polymer 'POTASSIUM ION' 'K 1'
PEG non-polymer DI(HYDROXYETHYL)ETHER 'C4 H10 O3'
SCN non-polymer 'THIOCYANATE ION' 'C N S -1'
SSA non-polymer 5'-O-(N-(L-SERYL)-SULFAMOYL)ADENOSINE 'C13 H19 N7 O8 S'
#
# COMPACT_ATOMS: atom_id res chain seq x y z
N MET A 1 -1.60 -9.32 -6.12
N MET A 1 -1.57 -9.34 -5.64
CA MET A 1 -2.20 -10.67 -6.09
CA MET A 1 -2.11 -10.65 -6.07
C MET A 1 -1.17 -11.79 -5.97
C MET A 1 -1.10 -11.74 -5.76
N LEU A 2 -1.65 -12.92 -5.45
CA LEU A 2 -0.83 -14.14 -5.26
C LEU A 2 -0.67 -14.78 -6.64
N GLU A 3 0.05 -15.90 -6.66
CA GLU A 3 0.27 -16.73 -7.85
C GLU A 3 -0.83 -17.80 -7.90
N LEU A 4 -1.62 -17.87 -8.98
CA LEU A 4 -2.77 -18.81 -9.05
C LEU A 4 -2.28 -20.24 -8.85
N LYS A 5 -1.22 -20.65 -9.53
CA LYS A 5 -0.74 -22.05 -9.40
C LYS A 5 -0.43 -22.36 -7.94
N PHE A 6 0.20 -21.46 -7.22
CA PHE A 6 0.55 -21.68 -5.83
C PHE A 6 -0.71 -21.87 -5.00
N VAL A 7 -1.77 -21.09 -5.22
CA VAL A 7 -3.04 -21.23 -4.45
C VAL A 7 -3.66 -22.59 -4.79
N ARG A 8 -3.68 -22.97 -6.06
CA ARG A 8 -4.22 -24.28 -6.45
C ARG A 8 -3.49 -25.41 -5.74
N ASN A 9 -2.18 -25.34 -5.72
CA ASN A 9 -1.34 -26.44 -5.18
C ASN A 9 -1.34 -26.41 -3.65
N ASN A 10 -1.61 -25.29 -3.00
CA ASN A 10 -1.45 -25.11 -1.54
C ASN A 10 -2.68 -24.42 -0.98
N PRO A 11 -3.89 -24.95 -1.20
CA PRO A 11 -5.10 -24.28 -0.74
C PRO A 11 -5.22 -24.08 0.77
N ASP A 12 -4.59 -24.96 1.56
CA ASP A 12 -4.62 -24.91 3.03
C ASP A 12 -3.49 -24.08 3.59
N ILE A 13 -2.37 -23.88 2.84
CA ILE A 13 -1.44 -22.76 3.16
C ILE A 13 -2.19 -21.42 3.05
N VAL A 14 -2.87 -21.22 1.91
CA VAL A 14 -3.54 -19.94 1.63
C VAL A 14 -4.74 -19.80 2.57
N GLY A 15 -5.53 -20.87 2.74
CA GLY A 15 -6.73 -20.76 3.58
C GLY A 15 -6.38 -20.41 5.01
N ARG A 16 -5.33 -21.00 5.56
CA ARG A 16 -4.95 -20.68 6.95
CA ARG A 16 -4.90 -20.70 6.93
C ARG A 16 -4.38 -19.25 7.03
N ALA A 17 -3.74 -18.76 5.97
CA ALA A 17 -3.39 -17.33 5.90
C ALA A 17 -4.64 -16.46 6.10
N LEU A 18 -5.75 -16.79 5.43
N LEU A 18 -5.73 -16.76 5.37
CA LEU A 18 -6.99 -15.97 5.44
CA LEU A 18 -6.99 -15.97 5.46
C LEU A 18 -7.72 -16.14 6.78
C LEU A 18 -7.52 -16.09 6.90
N ILE A 19 -7.57 -17.30 7.39
CA ILE A 19 -8.15 -17.39 8.75
CA ILE A 19 -8.08 -17.50 8.78
C ILE A 19 -7.35 -16.53 9.72
N SER A 20 -6.01 -16.47 9.60
CA SER A 20 -5.15 -15.65 10.47
C SER A 20 -5.48 -14.16 10.33
N ARG A 21 -6.12 -13.76 9.24
CA ARG A 21 -6.51 -12.34 8.98
C ARG A 21 -7.96 -12.09 9.45
N ASN A 22 -8.59 -13.07 10.12
CA ASN A 22 -10.02 -13.00 10.53
C ASN A 22 -10.97 -13.07 9.33
N MET A 23 -10.58 -13.79 8.29
CA MET A 23 -11.43 -14.00 7.11
C MET A 23 -11.79 -15.47 7.04
N GLY A 24 -12.82 -15.75 6.27
CA GLY A 24 -13.17 -17.13 5.89
C GLY A 24 -12.40 -17.53 4.66
N THR A 25 -12.61 -18.73 4.17
CA THR A 25 -11.89 -19.29 3.02
C THR A 25 -12.84 -19.41 1.83
N GLU A 26 -14.01 -18.77 1.87
CA GLU A 26 -14.97 -18.78 0.73
C GLU A 26 -14.32 -18.35 -0.59
N LEU A 27 -13.42 -17.36 -0.58
CA LEU A 27 -12.81 -16.86 -1.83
C LEU A 27 -11.97 -17.99 -2.46
N ILE A 28 -11.31 -18.82 -1.67
CA ILE A 28 -10.45 -19.90 -2.20
C ILE A 28 -11.36 -20.97 -2.75
N ASP A 29 -12.44 -21.29 -2.04
CA ASP A 29 -13.36 -22.31 -2.55
C ASP A 29 -13.89 -21.91 -3.92
N SER A 30 -14.38 -20.68 -4.04
CA SER A 30 -14.89 -20.08 -5.30
CA SER A 30 -14.91 -20.13 -5.31
C SER A 30 -13.79 -20.12 -6.38
N LEU A 31 -12.63 -19.61 -6.06
CA LEU A 31 -11.51 -19.57 -7.02
C LEU A 31 -11.27 -20.95 -7.59
N LEU A 32 -11.12 -21.97 -6.76
CA LEU A 32 -10.75 -23.33 -7.19
C LEU A 32 -11.88 -23.97 -7.99
N GLU A 33 -13.15 -23.63 -7.76
CA GLU A 33 -14.26 -24.11 -8.62
C GLU A 33 -14.12 -23.48 -10.02
N TYR A 34 -13.92 -22.17 -10.10
CA TYR A 34 -13.83 -21.50 -11.42
C TYR A 34 -12.58 -21.98 -12.14
N ASP A 35 -11.48 -22.19 -11.41
CA ASP A 35 -10.22 -22.66 -11.99
C ASP A 35 -10.41 -24.06 -12.58
N ALA A 36 -11.17 -24.91 -11.87
CA ALA A 36 -11.35 -26.28 -12.34
C ALA A 36 -12.21 -26.26 -13.59
N ALA A 37 -13.20 -25.40 -13.67
CA ALA A 37 -14.03 -25.28 -14.89
C ALA A 37 -13.21 -24.74 -16.07
N TRP A 38 -12.33 -23.76 -15.81
CA TRP A 38 -11.41 -23.27 -16.86
C TRP A 38 -10.56 -24.41 -17.37
N ARG A 39 -9.90 -25.17 -16.50
CA ARG A 39 -9.00 -26.23 -16.93
C ARG A 39 -9.77 -27.29 -17.72
N GLU A 40 -10.97 -27.67 -17.27
CA GLU A 40 -11.69 -28.73 -18.02
CA GLU A 40 -11.79 -28.69 -17.98
C GLU A 40 -12.15 -28.17 -19.38
N CYS A 41 -12.59 -26.92 -19.46
CA CYS A 41 -13.05 -26.34 -20.76
C CYS A 41 -11.88 -26.19 -21.73
N LEU A 42 -10.69 -25.89 -21.23
CA LEU A 42 -9.47 -25.77 -22.08
C LEU A 42 -9.14 -27.13 -22.69
N ILE A 43 -9.19 -28.20 -21.89
CA ILE A 43 -8.94 -29.57 -22.42
C ILE A 43 -9.96 -29.90 -23.51
N GLU A 44 -11.24 -29.63 -23.27
CA GLU A 44 -12.30 -30.02 -24.23
C GLU A 44 -12.13 -29.17 -25.49
N GLY A 45 -11.88 -27.87 -25.32
CA GLY A 45 -11.81 -26.98 -26.47
C GLY A 45 -10.57 -27.23 -27.30
N ASP A 46 -9.44 -27.52 -26.67
CA ASP A 46 -8.18 -27.81 -27.40
C ASP A 46 -8.38 -29.09 -28.24
N ASP A 47 -9.08 -30.07 -27.68
CA ASP A 47 -9.38 -31.32 -28.43
C ASP A 47 -10.25 -31.01 -29.65
N LEU A 48 -11.32 -30.23 -29.48
CA LEU A 48 -12.24 -29.92 -30.58
C LEU A 48 -11.54 -29.04 -31.64
N LYS A 49 -10.65 -28.11 -31.23
CA LYS A 49 -9.93 -27.22 -32.19
C LYS A 49 -9.00 -28.09 -33.06
N HIS A 50 -8.35 -29.08 -32.44
CA HIS A 50 -7.51 -30.04 -33.21
C HIS A 50 -8.38 -30.80 -34.19
N LYS A 51 -9.48 -31.35 -33.73
CA LYS A 51 -10.41 -32.15 -34.59
C LYS A 51 -10.91 -31.29 -35.74
N ARG A 52 -11.28 -30.03 -35.50
CA ARG A 52 -11.76 -29.16 -36.59
C ARG A 52 -10.65 -28.99 -37.65
N ASN A 53 -9.38 -28.88 -37.26
CA ASN A 53 -8.26 -28.74 -38.23
C ASN A 53 -8.15 -30.02 -39.06
N VAL A 54 -8.28 -31.17 -38.44
CA VAL A 54 -8.20 -32.46 -39.16
C VAL A 54 -9.37 -32.60 -40.12
N VAL A 55 -10.61 -32.34 -39.67
CA VAL A 55 -11.79 -32.48 -40.54
C VAL A 55 -11.67 -31.53 -41.72
N THR A 56 -11.15 -30.30 -41.55
CA THR A 56 -11.02 -29.38 -42.66
C THR A 56 -10.17 -30.05 -43.74
N ARG A 57 -9.05 -30.64 -43.36
CA ARG A 57 -8.15 -31.31 -44.31
C ARG A 57 -8.83 -32.58 -44.91
N GLU A 58 -9.56 -33.32 -44.07
CA GLU A 58 -10.28 -34.53 -44.53
C GLU A 58 -11.21 -34.09 -45.67
N ILE A 59 -11.93 -32.99 -45.53
CA ILE A 59 -12.88 -32.47 -46.56
C ILE A 59 -12.10 -32.18 -47.83
N ALA A 60 -10.95 -31.52 -47.74
CA ALA A 60 -10.07 -31.25 -48.91
C ALA A 60 -9.68 -32.56 -49.60
N GLN A 61 -9.35 -33.57 -48.83
CA GLN A 61 -8.88 -34.90 -49.36
C GLN A 61 -10.06 -35.60 -50.06
N LEU A 62 -11.24 -35.60 -49.46
CA LEU A 62 -12.47 -36.20 -50.04
C LEU A 62 -12.75 -35.53 -51.37
N LYS A 63 -12.65 -34.19 -51.46
CA LYS A 63 -12.96 -33.46 -52.72
C LYS A 63 -11.93 -33.87 -53.78
N LYS A 64 -10.64 -33.94 -53.47
CA LYS A 64 -9.63 -34.38 -54.46
C LYS A 64 -9.87 -35.84 -54.92
N GLU A 65 -10.36 -36.73 -54.06
CA GLU A 65 -10.60 -38.18 -54.39
C GLU A 65 -12.02 -38.31 -54.99
N ASN A 66 -12.69 -37.17 -55.27
CA ASN A 66 -14.07 -37.21 -55.82
CA ASN A 66 -14.12 -37.04 -55.69
C ASN A 66 -15.00 -38.04 -54.91
N LYS A 67 -15.03 -37.83 -53.60
CA LYS A 67 -15.90 -38.54 -52.63
C LYS A 67 -16.85 -37.49 -52.04
N ASP A 68 -18.02 -37.92 -51.55
CA ASP A 68 -19.02 -36.99 -50.96
C ASP A 68 -18.45 -36.56 -49.61
N ALA A 69 -18.49 -35.26 -49.30
CA ALA A 69 -18.01 -34.68 -48.02
C ALA A 69 -19.18 -34.25 -47.11
N ALA A 70 -20.44 -34.58 -47.44
CA ALA A 70 -21.60 -33.97 -46.72
C ALA A 70 -21.63 -34.37 -45.25
N SER A 71 -21.38 -35.60 -44.90
CA SER A 71 -21.40 -36.04 -43.50
C SER A 71 -20.33 -35.25 -42.72
N ARG A 72 -19.18 -34.93 -43.34
CA ARG A 72 -18.05 -34.21 -42.65
C ARG A 72 -18.41 -32.73 -42.44
N ILE A 73 -18.92 -32.08 -43.48
CA ILE A 73 -19.44 -30.67 -43.43
C ILE A 73 -20.53 -30.54 -42.36
N ASN A 74 -21.35 -31.59 -42.14
CA ASN A 74 -22.40 -31.63 -41.10
C ASN A 74 -21.75 -31.70 -39.72
N GLU A 75 -20.73 -32.52 -39.59
CA GLU A 75 -20.04 -32.72 -38.30
C GLU A 75 -19.41 -31.36 -37.89
N MET A 76 -18.94 -30.62 -38.89
CA MET A 76 -18.17 -29.35 -38.70
C MET A 76 -19.09 -28.28 -38.10
N GLN A 77 -20.36 -28.20 -38.51
CA GLN A 77 -21.30 -27.21 -37.90
C GLN A 77 -21.44 -27.40 -36.39
N GLY A 78 -21.50 -28.66 -35.91
CA GLY A 78 -21.57 -29.05 -34.51
C GLY A 78 -20.26 -28.77 -33.77
N ILE A 79 -19.13 -29.10 -34.41
CA ILE A 79 -17.79 -28.80 -33.83
C ILE A 79 -17.74 -27.30 -33.61
N ASN A 80 -18.07 -26.51 -34.62
CA ASN A 80 -17.90 -25.03 -34.57
C ASN A 80 -18.80 -24.48 -33.47
N SER A 81 -20.00 -25.02 -33.32
CA SER A 81 -20.95 -24.49 -32.31
CA SER A 81 -20.99 -24.57 -32.30
C SER A 81 -20.46 -24.83 -30.90
N ARG A 82 -19.91 -26.04 -30.67
CA ARG A 82 -19.42 -26.44 -29.34
C ARG A 82 -18.15 -25.62 -28.99
N ILE A 83 -17.29 -25.37 -29.98
CA ILE A 83 -16.09 -24.53 -29.73
C ILE A 83 -16.52 -23.14 -29.26
N LYS A 84 -17.48 -22.51 -29.92
CA LYS A 84 -17.94 -21.14 -29.55
C LYS A 84 -18.48 -21.17 -28.11
N GLU A 85 -19.26 -22.18 -27.72
CA GLU A 85 -19.80 -22.35 -26.36
C GLU A 85 -18.64 -22.46 -25.36
N LEU A 86 -17.62 -23.26 -25.67
CA LEU A 86 -16.49 -23.46 -24.73
C LEU A 86 -15.66 -22.19 -24.60
N ASP A 87 -15.45 -21.46 -25.70
CA ASP A 87 -14.65 -20.22 -25.63
C ASP A 87 -15.41 -19.21 -24.78
N ASP A 88 -16.76 -19.16 -24.88
CA ASP A 88 -17.54 -18.17 -24.12
C ASP A 88 -17.41 -18.50 -22.61
N LYS A 89 -17.42 -19.78 -22.28
CA LYS A 89 -17.28 -20.20 -20.87
CA LYS A 89 -17.27 -20.25 -20.88
C LYS A 89 -15.87 -19.86 -20.36
N ILE A 90 -14.86 -20.14 -21.15
CA ILE A 90 -13.46 -19.84 -20.73
C ILE A 90 -13.31 -18.34 -20.46
N ARG A 91 -13.90 -17.48 -21.31
CA ARG A 91 -13.81 -16.01 -21.15
C ARG A 91 -14.42 -15.65 -19.78
N ASP A 92 -15.59 -16.20 -19.46
CA ASP A 92 -16.32 -15.91 -18.22
C ASP A 92 -15.50 -16.39 -17.02
N TYR A 93 -15.01 -17.61 -17.07
CA TYR A 93 -14.25 -18.19 -15.94
C TYR A 93 -12.98 -17.37 -15.71
N LYS A 94 -12.25 -17.00 -16.76
CA LYS A 94 -10.99 -16.22 -16.52
C LYS A 94 -11.34 -14.89 -15.85
N SER A 95 -12.42 -14.25 -16.27
CA SER A 95 -12.83 -12.97 -15.69
C SER A 95 -13.15 -13.18 -14.21
N LYS A 96 -13.87 -14.24 -13.86
CA LYS A 96 -14.21 -14.55 -12.45
CA LYS A 96 -14.20 -14.54 -12.45
C LYS A 96 -12.92 -14.83 -11.64
N ILE A 97 -11.98 -15.56 -12.21
CA ILE A 97 -10.73 -15.89 -11.50
C ILE A 97 -9.93 -14.59 -11.26
N ASN A 98 -9.88 -13.71 -12.23
CA ASN A 98 -9.15 -12.45 -12.04
C ASN A 98 -9.79 -11.60 -10.92
N GLU A 99 -11.13 -11.46 -10.92
CA GLU A 99 -11.86 -10.73 -9.86
C GLU A 99 -11.53 -11.29 -8.49
N ILE A 100 -11.59 -12.62 -8.34
CA ILE A 100 -11.30 -13.27 -7.04
C ILE A 100 -9.83 -13.10 -6.67
N MET A 101 -8.93 -13.27 -7.63
CA MET A 101 -7.48 -13.17 -7.30
C MET A 101 -7.19 -11.74 -6.81
N LEU A 102 -7.85 -10.71 -7.35
CA LEU A 102 -7.58 -9.32 -6.92
C LEU A 102 -8.17 -9.05 -5.54
N SER A 103 -8.97 -9.95 -4.96
CA SER A 103 -9.64 -9.80 -3.64
CA SER A 103 -9.62 -9.77 -3.64
C SER A 103 -8.94 -10.59 -2.54
N ILE A 104 -7.97 -11.46 -2.86
CA ILE A 104 -7.32 -12.31 -1.82
C ILE A 104 -6.10 -11.58 -1.28
N PRO A 105 -6.01 -11.33 0.04
CA PRO A 105 -4.88 -10.59 0.61
C PRO A 105 -3.57 -11.40 0.58
N ASN A 106 -2.46 -10.69 0.83
CA ASN A 106 -1.14 -11.29 0.79
C ASN A 106 -0.96 -12.32 1.93
N ILE A 107 -0.11 -13.28 1.70
CA ILE A 107 0.25 -14.30 2.76
C ILE A 107 1.13 -13.63 3.82
N PRO A 108 0.73 -13.60 5.09
CA PRO A 108 1.64 -13.10 6.11
C PRO A 108 2.96 -13.85 6.15
N SER A 109 4.03 -13.12 6.42
CA SER A 109 5.38 -13.70 6.52
C SER A 109 5.51 -14.71 7.69
N GLU A 110 6.56 -15.50 7.66
CA GLU A 110 6.79 -16.53 8.70
C GLU A 110 7.14 -15.82 10.02
N THR A 111 7.57 -14.54 9.99
CA THR A 111 7.92 -13.79 11.22
C THR A 111 6.84 -12.78 11.57
N THR A 112 5.67 -12.82 10.95
CA THR A 112 4.52 -12.01 11.40
C THR A 112 3.79 -12.75 12.52
N PRO A 113 3.66 -12.16 13.72
CA PRO A 113 3.04 -12.88 14.82
C PRO A 113 1.56 -13.14 14.53
N VAL A 114 1.04 -14.29 14.97
CA VAL A 114 -0.41 -14.60 14.89
C VAL A 114 -1.13 -13.86 16.02
N GLY A 115 -2.19 -13.12 15.68
CA GLY A 115 -3.08 -12.42 16.62
C GLY A 115 -4.33 -11.95 15.92
N LYS A 116 -5.34 -11.45 16.63
CA LYS A 116 -6.64 -11.09 16.02
C LYS A 116 -6.69 -9.60 15.68
N ASP A 117 -6.07 -8.72 16.45
CA ASP A 117 -6.25 -7.26 16.25
C ASP A 117 -5.12 -6.50 16.93
N GLU A 118 -5.22 -5.16 16.97
CA GLU A 118 -4.11 -4.30 17.48
C GLU A 118 -3.72 -4.66 18.92
N ASN A 119 -4.57 -5.34 19.71
CA ASN A 119 -4.18 -5.72 21.09
C ASN A 119 -3.12 -6.84 21.08
N ASP A 120 -2.85 -7.50 19.94
CA ASP A 120 -1.91 -8.63 19.87
C ASP A 120 -0.65 -8.23 19.07
N ASN A 121 -0.35 -6.94 18.97
CA ASN A 121 0.87 -6.42 18.29
C ASN A 121 2.02 -6.35 19.29
N PRO A 122 3.02 -7.23 19.26
CA PRO A 122 4.12 -7.14 20.21
C PRO A 122 4.95 -5.87 20.04
N VAL A 123 5.51 -5.39 21.14
CA VAL A 123 6.47 -4.25 21.15
C VAL A 123 7.86 -4.80 20.88
N VAL A 124 8.53 -4.29 19.88
CA VAL A 124 9.87 -4.71 19.45
C VAL A 124 10.92 -3.96 20.26
N ARG A 125 10.79 -2.64 20.33
CA ARG A 125 11.77 -1.80 21.03
C ARG A 125 11.15 -0.49 21.39
N VAL A 126 11.63 0.08 22.50
CA VAL A 126 11.23 1.38 23.03
C VAL A 126 12.47 2.26 23.01
N VAL A 127 12.36 3.44 22.39
CA VAL A 127 13.52 4.34 22.14
C VAL A 127 13.22 5.71 22.69
N GLY A 128 14.06 6.18 23.61
CA GLY A 128 13.84 7.45 24.29
C GLY A 128 12.90 7.31 25.49
N GLU A 129 13.02 8.31 26.37
CA GLU A 129 12.21 8.35 27.60
C GLU A 129 11.24 9.52 27.48
N PRO A 130 9.94 9.23 27.55
CA PRO A 130 8.91 10.27 27.53
C PRO A 130 9.16 11.34 28.58
N ARG A 131 8.89 12.57 28.19
CA ARG A 131 9.09 13.73 29.06
C ARG A 131 8.24 13.63 30.34
N GLU A 132 8.86 13.98 31.47
CA GLU A 132 8.14 14.13 32.76
C GLU A 132 7.84 15.62 32.91
N PHE A 133 6.58 15.99 32.76
CA PHE A 133 6.09 17.39 32.81
C PHE A 133 5.95 17.83 34.27
N THR A 134 6.16 19.11 34.51
CA THR A 134 5.95 19.76 35.83
C THR A 134 4.62 20.53 35.85
N PHE A 135 3.95 20.63 34.72
CA PHE A 135 2.64 21.28 34.56
C PHE A 135 1.78 20.36 33.72
N THR A 136 0.52 20.69 33.57
CA THR A 136 -0.40 19.85 32.79
C THR A 136 -0.26 20.20 31.31
N PRO A 137 0.19 19.26 30.46
CA PRO A 137 0.35 19.51 29.03
C PRO A 137 -1.03 19.67 28.39
N LYS A 138 -1.07 20.54 27.39
CA LYS A 138 -2.27 20.79 26.55
C LYS A 138 -2.14 20.01 25.26
N PRO A 139 -3.28 19.61 24.69
CA PRO A 139 -3.24 18.93 23.40
C PRO A 139 -2.88 19.88 22.26
N HIS A 140 -2.48 19.25 21.15
CA HIS A 140 -1.90 20.02 20.02
C HIS A 140 -2.91 21.01 19.46
N TRP A 141 -4.22 20.70 19.45
N TRP A 141 -4.19 20.67 19.41
CA TRP A 141 -5.23 21.60 18.83
CA TRP A 141 -5.18 21.59 18.78
C TRP A 141 -5.42 22.86 19.68
C TRP A 141 -5.40 22.84 19.65
N GLU A 142 -5.22 22.76 20.99
CA GLU A 142 -5.36 23.92 21.92
CA GLU A 142 -5.36 23.91 21.90
C GLU A 142 -4.13 24.81 21.73
N ILE A 143 -2.95 24.19 21.72
CA ILE A 143 -1.67 24.92 21.47
CA ILE A 143 -1.67 24.92 21.46
C ILE A 143 -1.72 25.58 20.09
N GLY A 144 -2.14 24.84 19.07
CA GLY A 144 -2.14 25.43 17.73
C GLY A 144 -3.12 26.59 17.58
N GLU A 145 -4.31 26.50 18.18
CA GLU A 145 -5.29 27.60 18.10
C GLU A 145 -4.77 28.78 18.94
N SER A 146 -4.20 28.55 20.12
CA SER A 146 -3.73 29.67 20.96
C SER A 146 -2.56 30.41 20.32
N LEU A 147 -1.66 29.72 19.60
CA LEU A 147 -0.53 30.36 18.89
C LEU A 147 -0.98 30.91 17.52
N ASP A 148 -2.19 30.56 17.12
CA ASP A 148 -2.77 30.95 15.81
C ASP A 148 -1.93 30.38 14.67
N ILE A 149 -1.46 29.13 14.82
CA ILE A 149 -0.66 28.45 13.77
C ILE A 149 -1.43 27.30 13.15
N LEU A 150 -2.57 26.91 13.71
CA LEU A 150 -3.50 25.95 13.10
C LEU A 150 -4.88 26.60 13.14
N ASP A 151 -5.58 26.56 12.02
CA ASP A 151 -6.94 27.16 11.90
C ASP A 151 -7.86 26.06 11.42
N PHE A 152 -8.73 25.59 12.29
CA PHE A 152 -9.73 24.57 11.96
C PHE A 152 -11.03 25.23 11.51
N GLU A 153 -11.43 26.32 12.10
CA GLU A 153 -12.71 26.99 11.76
C GLU A 153 -12.69 27.48 10.32
N ARG A 154 -11.61 28.12 9.89
CA ARG A 154 -11.57 28.62 8.47
C ARG A 154 -11.34 27.43 7.54
N ALA A 155 -10.67 26.35 7.95
CA ALA A 155 -10.54 25.17 7.07
C ALA A 155 -11.91 24.54 6.82
N ALA A 156 -12.75 24.53 7.83
CA ALA A 156 -14.10 23.94 7.67
C ALA A 156 -14.95 24.75 6.69
N LYS A 157 -14.77 26.07 6.71
CA LYS A 157 -15.56 26.91 5.77
C LYS A 157 -15.17 26.67 4.31
N ILE A 158 -13.89 26.47 4.04
CA ILE A 158 -13.44 26.29 2.62
C ILE A 158 -13.53 24.84 2.17
N SER A 159 -13.53 23.88 3.09
CA SER A 159 -13.42 22.44 2.76
C SER A 159 -14.54 21.75 3.49
N GLY A 160 -14.31 21.46 4.74
CA GLY A 160 -15.34 20.82 5.61
C GLY A 160 -14.60 20.29 6.82
N GLN A 161 -15.28 19.49 7.58
CA GLN A 161 -14.66 18.86 8.76
C GLN A 161 -13.54 17.89 8.33
N GLY A 162 -12.51 17.79 9.18
CA GLY A 162 -11.38 16.92 8.89
C GLY A 162 -10.31 17.52 8.02
N PHE A 163 -10.25 18.86 8.01
CA PHE A 163 -9.20 19.61 7.31
C PHE A 163 -8.56 20.59 8.28
N ALA A 164 -7.41 21.10 7.89
CA ALA A 164 -6.72 22.15 8.64
C ALA A 164 -5.99 23.12 7.72
N VAL A 165 -5.89 24.35 8.17
CA VAL A 165 -5.05 25.41 7.56
C VAL A 165 -3.89 25.70 8.49
N TYR A 166 -2.67 25.56 7.98
CA TYR A 166 -1.51 25.97 8.76
C TYR A 166 -1.20 27.42 8.48
N LYS A 167 -0.78 28.12 9.51
CA LYS A 167 -0.52 29.58 9.36
CA LYS A 167 -0.52 29.58 9.37
C LYS A 167 0.78 30.00 10.03
N GLY A 168 1.48 30.93 9.41
CA GLY A 168 2.66 31.53 10.02
C GLY A 168 3.66 30.44 10.41
N MET A 169 4.09 30.46 11.68
CA MET A 169 5.09 29.49 12.10
C MET A 169 4.59 28.05 11.98
N GLY A 170 3.29 27.81 11.98
CA GLY A 170 2.81 26.44 11.74
C GLY A 170 3.11 25.99 10.31
N ALA A 171 2.80 26.85 9.34
CA ALA A 171 3.10 26.54 7.93
C ALA A 171 4.63 26.36 7.78
N LYS A 172 5.42 27.23 8.42
CA LYS A 172 6.89 27.15 8.31
C LYS A 172 7.39 25.89 8.98
N LEU A 173 6.81 25.45 10.08
CA LEU A 173 7.25 24.19 10.74
C LEU A 173 6.97 23.00 9.81
N GLU A 174 5.76 22.92 9.25
CA GLU A 174 5.41 21.79 8.33
C GLU A 174 6.39 21.79 7.15
N ARG A 175 6.67 22.98 6.59
CA ARG A 175 7.60 23.07 5.43
C ARG A 175 9.01 22.66 5.84
N ALA A 176 9.47 23.11 7.02
CA ALA A 176 10.79 22.73 7.53
C ALA A 176 10.91 21.23 7.76
N LEU A 177 9.85 20.60 8.26
CA LEU A 177 9.87 19.14 8.48
C LEU A 177 10.06 18.46 7.12
N ILE A 178 9.28 18.85 6.10
CA ILE A 178 9.37 18.18 4.78
C ILE A 178 10.80 18.31 4.24
N ASN A 179 11.36 19.51 4.29
CA ASN A 179 12.73 19.72 3.77
C ASN A 179 13.74 18.86 4.55
N PHE A 180 13.63 18.88 5.86
CA PHE A 180 14.51 18.10 6.74
C PHE A 180 14.40 16.62 6.42
N MET A 181 13.19 16.10 6.30
CA MET A 181 12.97 14.68 6.04
C MET A 181 13.62 14.28 4.69
N LEU A 182 13.32 15.05 3.65
CA LEU A 182 13.86 14.74 2.29
C LEU A 182 15.39 14.86 2.30
N ASP A 183 15.93 15.84 3.03
CA ASP A 183 17.41 15.97 3.08
C ASP A 183 18.02 14.76 3.80
N VAL A 184 17.49 14.34 4.91
CA VAL A 184 18.03 13.18 5.67
C VAL A 184 17.91 11.95 4.75
N HIS A 185 16.73 11.68 4.15
CA HIS A 185 16.61 10.49 3.30
C HIS A 185 17.58 10.52 2.13
N THR A 186 17.85 11.67 1.55
CA THR A 186 18.87 11.80 0.51
C THR A 186 20.22 11.33 1.10
N ARG A 187 20.59 11.77 2.29
CA ARG A 187 21.90 11.38 2.91
C ARG A 187 21.91 9.87 3.18
N GLN A 188 20.77 9.27 3.48
CA GLN A 188 20.60 7.81 3.68
C GLN A 188 20.67 7.01 2.39
N GLY A 189 20.63 7.65 1.23
CA GLY A 189 20.78 6.96 -0.06
C GLY A 189 19.51 6.86 -0.88
N TYR A 190 18.44 7.58 -0.55
CA TYR A 190 17.22 7.55 -1.38
C TYR A 190 17.27 8.66 -2.44
N LEU A 191 16.78 8.36 -3.62
CA LEU A 191 16.61 9.34 -4.73
C LEU A 191 15.29 10.08 -4.55
N GLU A 192 15.33 11.40 -4.44
CA GLU A 192 14.13 12.23 -4.34
C GLU A 192 13.38 12.27 -5.69
N VAL A 193 12.11 11.98 -5.63
CA VAL A 193 11.21 12.12 -6.79
C VAL A 193 9.98 12.86 -6.36
N PHE A 194 9.36 13.57 -7.29
CA PHE A 194 8.11 14.32 -7.00
C PHE A 194 7.11 14.03 -8.10
N PRO A 195 6.17 13.08 -7.83
CA PRO A 195 5.21 12.62 -8.83
C PRO A 195 3.88 13.33 -8.66
N PRO A 196 2.97 13.19 -9.61
CA PRO A 196 1.59 13.65 -9.43
C PRO A 196 0.85 12.88 -8.36
N VAL A 197 -0.24 13.46 -7.90
CA VAL A 197 -1.21 12.80 -7.00
C VAL A 197 -2.52 12.45 -7.70
N LEU A 198 -2.73 12.82 -8.95
CA LEU A 198 -3.82 12.23 -9.75
C LEU A 198 -3.30 10.98 -10.44
N ILE A 199 -3.90 9.84 -10.06
N ILE A 199 -3.80 9.84 -10.08
CA ILE A 199 -3.48 8.42 -10.32
CA ILE A 199 -3.27 8.61 -10.71
C ILE A 199 -4.53 7.71 -11.19
C ILE A 199 -4.47 7.92 -11.36
N ASN A 200 -4.15 6.99 -12.25
CA ASN A 200 -5.15 6.17 -12.95
C ASN A 200 -5.49 4.89 -12.22
N GLU A 201 -6.50 4.20 -12.73
CA GLU A 201 -7.01 2.94 -12.17
C GLU A 201 -5.92 1.87 -12.19
N LYS A 202 -5.11 1.79 -13.23
CA LYS A 202 -4.09 0.74 -13.30
C LYS A 202 -3.08 0.91 -12.18
N ALA A 203 -2.63 2.12 -11.90
CA ALA A 203 -1.70 2.35 -10.79
C ALA A 203 -2.33 2.03 -9.45
N MET A 204 -3.57 2.45 -9.22
CA MET A 204 -4.22 2.17 -7.94
C MET A 204 -4.43 0.66 -7.74
N THR A 205 -4.68 -0.08 -8.84
CA THR A 205 -4.75 -1.55 -8.74
C THR A 205 -3.38 -2.15 -8.44
N GLY A 206 -2.32 -1.61 -9.05
CA GLY A 206 -0.97 -2.13 -8.91
C GLY A 206 -0.44 -2.24 -7.48
N THR A 207 -0.75 -1.28 -6.61
CA THR A 207 -0.28 -1.28 -5.22
C THR A 207 -1.33 -1.92 -4.28
N GLY A 208 -2.51 -2.29 -4.78
CA GLY A 208 -3.49 -3.02 -3.95
C GLY A 208 -4.66 -2.22 -3.44
N GLN A 209 -4.66 -0.90 -3.65
CA GLN A 209 -5.78 -0.07 -3.15
C GLN A 209 -7.06 -0.49 -3.86
N LEU A 210 -7.01 -0.79 -5.15
CA LEU A 210 -8.17 -1.27 -5.93
C LEU A 210 -7.97 -2.76 -6.15
N PRO A 211 -9.05 -3.56 -6.22
CA PRO A 211 -10.41 -3.03 -6.16
C PRO A 211 -10.97 -2.89 -4.76
N LYS A 212 -10.34 -3.46 -3.74
CA LYS A 212 -11.03 -3.69 -2.46
C LYS A 212 -11.35 -2.40 -1.72
N PHE A 213 -10.52 -1.38 -1.81
CA PHE A 213 -10.60 -0.16 -0.97
C PHE A 213 -11.07 1.02 -1.80
N LYS A 214 -11.75 0.81 -2.93
CA LYS A 214 -12.28 1.88 -3.81
C LYS A 214 -13.08 2.89 -2.96
N ASP A 215 -13.91 2.44 -2.02
CA ASP A 215 -14.82 3.40 -1.31
C ASP A 215 -14.06 4.28 -0.32
N ASP A 216 -12.78 4.01 -0.06
CA ASP A 216 -11.96 4.81 0.87
C ASP A 216 -11.24 5.94 0.13
N MET A 217 -11.32 5.98 -1.19
CA MET A 217 -10.54 6.88 -2.05
C MET A 217 -11.42 7.96 -2.68
N TYR A 218 -10.85 9.11 -2.93
CA TYR A 218 -11.50 10.13 -3.76
C TYR A 218 -11.31 9.77 -5.21
N GLY A 219 -12.44 9.62 -5.92
CA GLY A 219 -12.38 9.53 -7.38
C GLY A 219 -12.67 10.88 -8.00
N CYS A 220 -12.13 11.13 -9.16
CA CYS A 220 -12.11 12.44 -9.81
CA CYS A 220 -12.37 12.45 -9.76
C CYS A 220 -12.56 12.35 -11.27
N THR A 221 -12.97 13.48 -11.83
CA THR A 221 -13.29 13.62 -13.27
C THR A 221 -12.18 12.96 -14.07
N ASP A 222 -12.57 12.32 -15.17
CA ASP A 222 -11.68 11.75 -16.20
C ASP A 222 -11.02 10.45 -15.70
N GLY A 223 -11.60 9.82 -14.70
CA GLY A 223 -11.19 8.45 -14.31
C GLY A 223 -10.04 8.39 -13.35
N PHE A 224 -9.65 9.51 -12.81
CA PHE A 224 -8.54 9.52 -11.84
C PHE A 224 -8.98 9.26 -10.41
N TYR A 225 -7.99 8.95 -9.59
CA TYR A 225 -8.12 8.89 -8.12
C TYR A 225 -7.04 9.80 -7.52
N LEU A 226 -7.34 10.38 -6.38
CA LEU A 226 -6.29 11.07 -5.61
C LEU A 226 -5.48 10.08 -4.79
N ALA A 227 -4.16 10.25 -4.85
CA ALA A 227 -3.28 9.32 -4.11
C ALA A 227 -3.58 9.33 -2.61
N PRO A 228 -3.74 8.16 -1.97
CA PRO A 228 -3.82 8.13 -0.49
C PRO A 228 -2.46 8.14 0.18
N THR A 229 -1.40 7.99 -0.61
CA THR A 229 -0.02 7.88 -0.15
C THR A 229 0.86 7.98 -1.38
N ALA A 230 2.07 8.56 -1.29
CA ALA A 230 3.05 8.54 -2.39
C ALA A 230 3.41 7.10 -2.79
N GLU A 231 3.18 6.11 -1.94
CA GLU A 231 3.38 4.69 -2.33
C GLU A 231 2.78 4.45 -3.70
N VAL A 232 1.57 5.00 -3.99
CA VAL A 232 0.87 4.60 -5.23
C VAL A 232 1.61 5.12 -6.46
N PRO A 233 1.80 6.45 -6.65
CA PRO A 233 2.53 6.89 -7.83
C PRO A 233 3.96 6.32 -7.88
N VAL A 234 4.66 6.30 -6.76
CA VAL A 234 6.10 5.98 -6.76
C VAL A 234 6.31 4.51 -7.12
N THR A 235 5.57 3.61 -6.53
CA THR A 235 5.83 2.16 -6.76
C THR A 235 5.53 1.83 -8.21
N ASN A 236 4.48 2.47 -8.76
CA ASN A 236 4.04 2.15 -10.13
C ASN A 236 4.89 2.80 -11.23
N LEU A 237 5.88 3.61 -10.88
CA LEU A 237 6.82 4.17 -11.87
C LEU A 237 7.42 3.08 -12.74
N PHE A 238 7.62 1.87 -12.18
CA PHE A 238 8.33 0.78 -12.88
C PHE A 238 7.38 -0.29 -13.36
N MET A 239 6.09 0.02 -13.45
CA MET A 239 5.12 -0.94 -13.98
CA MET A 239 5.09 -0.91 -14.01
C MET A 239 5.56 -1.42 -15.37
N ASP A 240 5.47 -2.72 -15.61
CA ASP A 240 5.76 -3.38 -16.91
C ASP A 240 7.22 -3.16 -17.31
N GLU A 241 8.15 -3.04 -16.34
CA GLU A 241 9.58 -2.92 -16.65
C GLU A 241 10.36 -4.08 -16.08
N TYR A 242 11.54 -4.28 -16.67
CA TYR A 242 12.69 -4.95 -16.05
C TYR A 242 13.57 -3.92 -15.42
N MET A 243 13.74 -3.99 -14.12
CA MET A 243 14.49 -3.02 -13.31
C MET A 243 15.99 -3.29 -13.39
N GLU A 244 16.74 -2.20 -13.29
CA GLU A 244 18.24 -2.19 -13.34
C GLU A 244 18.76 -1.60 -12.06
N ASN A 245 20.00 -1.95 -11.70
CA ASN A 245 20.76 -1.30 -10.63
C ASN A 245 20.00 -1.53 -9.31
N LEU A 246 19.46 -2.74 -9.13
CA LEU A 246 18.78 -3.05 -7.85
C LEU A 246 19.81 -3.14 -6.74
N PRO A 247 19.50 -2.73 -5.50
CA PRO A 247 18.20 -2.18 -5.14
C PRO A 247 18.06 -0.71 -5.54
N VAL A 248 16.82 -0.32 -5.76
CA VAL A 248 16.44 1.09 -6.05
C VAL A 248 15.70 1.63 -4.82
N PHE A 249 16.22 2.73 -4.26
CA PHE A 249 15.67 3.43 -3.12
C PHE A 249 15.14 4.81 -3.56
N LEU A 250 13.85 5.06 -3.38
CA LEU A 250 13.22 6.36 -3.70
C LEU A 250 12.63 6.99 -2.44
N THR A 251 12.59 8.32 -2.43
CA THR A 251 11.82 9.05 -1.40
C THR A 251 11.02 10.15 -2.09
N ALA A 252 9.84 10.45 -1.55
CA ALA A 252 8.96 11.49 -2.12
C ALA A 252 8.13 12.11 -1.02
N TYR A 253 7.91 13.40 -1.18
CA TYR A 253 6.82 14.13 -0.53
C TYR A 253 5.63 14.17 -1.48
N THR A 254 4.46 13.84 -0.96
CA THR A 254 3.19 14.27 -1.60
C THR A 254 2.17 14.59 -0.53
N ALA A 255 1.17 15.36 -0.94
CA ALA A 255 -0.11 15.41 -0.24
C ALA A 255 -0.76 14.04 -0.43
N CYS A 256 -1.61 13.72 0.55
CA CYS A 256 -2.28 12.41 0.67
C CYS A 256 -3.77 12.66 0.95
N PHE A 257 -4.64 11.89 0.30
CA PHE A 257 -6.09 12.12 0.35
C PHE A 257 -6.79 10.83 0.76
N ARG A 258 -7.62 10.90 1.79
CA ARG A 258 -8.30 9.70 2.31
C ARG A 258 -9.73 10.09 2.73
N ARG A 259 -10.72 9.29 2.35
CA ARG A 259 -12.13 9.58 2.70
CA ARG A 259 -12.14 9.56 2.68
C ARG A 259 -12.43 9.25 4.17
N GLU A 260 -11.77 8.27 4.78
CA GLU A 260 -11.86 8.10 6.29
C GLU A 260 -13.32 7.87 6.68
N THR A 268 -8.80 11.13 16.89
CA THR A 268 -8.82 11.68 15.49
C THR A 268 -8.75 13.22 15.48
N ARG A 269 -8.94 13.88 16.64
CA ARG A 269 -9.12 15.35 16.81
C ARG A 269 -7.91 16.13 16.28
N GLY A 270 -8.16 17.39 15.86
CA GLY A 270 -7.15 18.30 15.25
C GLY A 270 -6.61 17.83 13.90
N ILE A 271 -5.31 17.62 13.84
CA ILE A 271 -4.67 17.11 12.60
C ILE A 271 -4.24 15.65 12.74
N ILE A 272 -4.70 14.91 13.73
CA ILE A 272 -4.29 13.49 13.81
C ILE A 272 -4.87 12.73 12.64
N ARG A 273 -6.16 12.96 12.35
CA ARG A 273 -6.83 12.26 11.24
C ARG A 273 -7.51 13.32 10.36
N ASN A 274 -6.99 13.54 9.15
CA ASN A 274 -7.58 14.56 8.24
C ASN A 274 -7.77 13.91 6.87
N HIS A 275 -8.65 14.51 6.05
CA HIS A 275 -8.88 14.01 4.69
C HIS A 275 -7.71 14.30 3.77
N GLN A 276 -6.95 15.35 4.09
CA GLN A 276 -5.73 15.70 3.32
C GLN A 276 -4.63 15.87 4.36
N PHE A 277 -3.48 15.26 4.13
CA PHE A 277 -2.31 15.40 5.00
C PHE A 277 -1.06 15.23 4.15
N ASN A 278 0.08 15.68 4.65
CA ASN A 278 1.37 15.58 3.97
C ASN A 278 2.17 14.42 4.54
N LYS A 279 2.90 13.72 3.67
CA LYS A 279 3.73 12.58 4.14
C LYS A 279 4.97 12.50 3.28
N VAL A 280 6.11 12.22 3.89
CA VAL A 280 7.35 11.89 3.15
C VAL A 280 7.49 10.38 3.21
N GLU A 281 7.53 9.72 2.08
CA GLU A 281 7.52 8.26 1.93
C GLU A 281 8.89 7.75 1.52
N LEU A 282 9.21 6.55 1.93
CA LEU A 282 10.36 5.74 1.47
C LEU A 282 9.84 4.56 0.66
N VAL A 283 10.39 4.27 -0.49
CA VAL A 283 9.99 3.09 -1.32
C VAL A 283 11.27 2.38 -1.72
N LYS A 284 11.26 1.07 -1.65
CA LYS A 284 12.38 0.25 -2.16
C LYS A 284 11.89 -0.81 -3.15
N PHE A 285 12.72 -1.07 -4.13
CA PHE A 285 12.56 -2.19 -5.08
C PHE A 285 13.80 -3.06 -4.92
N VAL A 286 13.69 -4.33 -4.61
CA VAL A 286 14.88 -5.12 -4.21
C VAL A 286 14.78 -6.55 -4.72
N MET A 287 15.93 -7.22 -4.74
CA MET A 287 15.86 -8.65 -5.08
C MET A 287 15.26 -9.43 -3.91
N PRO A 288 14.43 -10.45 -4.21
CA PRO A 288 13.69 -11.16 -3.20
C PRO A 288 14.42 -11.67 -1.97
N GLU A 289 15.64 -12.24 -2.17
CA GLU A 289 16.37 -12.81 -1.02
C GLU A 289 16.86 -11.75 -0.07
N THR A 290 16.80 -10.46 -0.43
CA THR A 290 17.29 -9.39 0.41
C THR A 290 16.16 -8.65 1.13
N SER A 291 14.89 -8.97 0.92
CA SER A 291 13.84 -8.02 1.35
C SER A 291 13.63 -8.00 2.85
N TYR A 292 13.85 -9.13 3.54
CA TYR A 292 13.65 -9.14 5.01
C TYR A 292 14.66 -8.16 5.65
N GLU A 293 15.92 -8.19 5.23
CA GLU A 293 16.91 -7.26 5.79
C GLU A 293 16.58 -5.85 5.32
N GLU A 294 16.13 -5.67 4.07
CA GLU A 294 15.80 -4.31 3.58
C GLU A 294 14.68 -3.74 4.45
N LEU A 295 13.72 -4.54 4.96
CA LEU A 295 12.69 -4.01 5.84
C LEU A 295 13.30 -3.49 7.15
N GLU A 296 14.24 -4.25 7.73
CA GLU A 296 14.85 -3.82 9.00
C GLU A 296 15.56 -2.49 8.72
N LYS A 297 16.25 -2.36 7.58
CA LYS A 297 17.04 -1.15 7.26
C LYS A 297 16.09 0.02 6.93
N LEU A 298 15.01 -0.24 6.21
CA LEU A 298 14.07 0.88 5.90
C LEU A 298 13.49 1.41 7.22
N THR A 299 13.07 0.54 8.14
CA THR A 299 12.55 0.91 9.47
C THR A 299 13.54 1.81 10.22
N LEU A 300 14.81 1.44 10.19
CA LEU A 300 15.85 2.23 10.84
C LEU A 300 15.91 3.62 10.20
N ASP A 301 15.77 3.69 8.86
CA ASP A 301 15.85 4.99 8.13
C ASP A 301 14.67 5.89 8.53
N ALA A 302 13.49 5.31 8.75
CA ALA A 302 12.31 6.06 9.18
C ALA A 302 12.48 6.50 10.64
N GLU A 303 12.95 5.60 11.50
CA GLU A 303 13.00 5.99 12.91
CA GLU A 303 13.23 5.80 12.93
C GLU A 303 14.13 7.00 13.12
N GLU A 304 15.11 7.08 12.23
CA GLU A 304 16.14 8.09 12.40
C GLU A 304 15.54 9.51 12.45
N ILE A 305 14.45 9.74 11.73
CA ILE A 305 13.78 11.06 11.84
C ILE A 305 13.32 11.36 13.28
N LEU A 306 12.72 10.39 13.93
CA LEU A 306 12.26 10.54 15.33
C LEU A 306 13.48 10.75 16.22
N LYS A 307 14.51 9.94 16.03
CA LYS A 307 15.73 10.07 16.90
C LYS A 307 16.28 11.47 16.74
N LEU A 308 16.39 12.00 15.52
CA LEU A 308 17.02 13.33 15.28
C LEU A 308 16.18 14.44 15.85
N LEU A 309 14.84 14.28 15.87
CA LEU A 309 13.89 15.27 16.41
C LEU A 309 13.75 15.11 17.92
N LYS A 310 14.39 14.05 18.52
CA LYS A 310 14.32 13.75 19.96
C LYS A 310 12.87 13.60 20.38
N LEU A 311 12.15 12.75 19.64
CA LEU A 311 10.76 12.41 19.96
C LEU A 311 10.69 10.96 20.38
N PRO A 312 10.49 10.68 21.68
CA PRO A 312 10.43 9.30 22.14
C PRO A 312 9.34 8.50 21.42
N TYR A 313 9.66 7.24 21.13
CA TYR A 313 8.78 6.38 20.30
C TYR A 313 8.97 4.92 20.69
N ARG A 314 8.21 4.08 20.03
CA ARG A 314 8.43 2.64 20.10
C ARG A 314 8.13 2.03 18.74
N VAL A 315 8.58 0.80 18.55
CA VAL A 315 8.38 0.02 17.31
C VAL A 315 7.53 -1.15 17.69
N VAL A 316 6.46 -1.40 16.96
CA VAL A 316 5.56 -2.54 17.19
C VAL A 316 5.50 -3.41 15.95
N SER A 317 5.30 -4.72 16.12
CA SER A 317 5.16 -5.69 15.02
C SER A 317 3.70 -5.96 14.81
N LEU A 318 3.15 -5.82 13.61
CA LEU A 318 1.72 -6.05 13.38
C LEU A 318 1.48 -7.54 13.30
N CYS A 319 0.47 -7.99 14.01
CA CYS A 319 0.06 -9.38 13.96
C CYS A 319 -0.77 -9.63 12.70
N THR A 320 -1.06 -10.90 12.46
CA THR A 320 -1.76 -11.29 11.21
C THR A 320 -3.11 -10.58 11.08
N GLY A 321 -3.81 -10.44 12.20
CA GLY A 321 -5.16 -9.84 12.22
C GLY A 321 -5.22 -8.37 11.99
N ASP A 322 -4.10 -7.69 12.24
CA ASP A 322 -4.00 -6.23 12.07
C ASP A 322 -3.21 -5.87 10.80
N LEU A 323 -2.58 -6.85 10.16
CA LEU A 323 -1.75 -6.58 8.96
C LEU A 323 -2.63 -6.02 7.84
N GLY A 324 -2.10 -5.10 7.04
CA GLY A 324 -2.78 -4.57 5.85
C GLY A 324 -2.93 -5.62 4.76
N PHE A 325 -3.86 -5.36 3.86
CA PHE A 325 -4.22 -6.28 2.75
C PHE A 325 -3.00 -6.72 1.94
N SER A 326 -2.16 -5.82 1.51
CA SER A 326 -1.08 -6.11 0.54
C SER A 326 0.21 -6.52 1.25
N ALA A 327 0.37 -6.18 2.51
CA ALA A 327 1.62 -6.40 3.25
C ALA A 327 1.80 -7.85 3.67
N ALA A 328 3.03 -8.32 3.67
CA ALA A 328 3.43 -9.60 4.28
C ALA A 328 3.88 -9.37 5.70
N LYS A 329 4.54 -8.26 5.99
CA LYS A 329 5.13 -7.93 7.30
CA LYS A 329 5.09 -7.93 7.32
C LYS A 329 5.13 -6.41 7.48
N THR A 330 4.75 -5.94 8.68
CA THR A 330 4.76 -4.49 8.96
C THR A 330 5.36 -4.24 10.34
N TYR A 331 6.18 -3.21 10.45
CA TYR A 331 6.49 -2.55 11.73
C TYR A 331 5.83 -1.19 11.75
N ASP A 332 5.12 -0.86 12.82
CA ASP A 332 4.64 0.52 13.04
C ASP A 332 5.59 1.24 13.97
N LEU A 333 5.84 2.51 13.69
CA LEU A 333 6.49 3.44 14.61
C LEU A 333 5.36 4.14 15.32
N GLU A 334 5.48 4.29 16.63
CA GLU A 334 4.44 4.94 17.42
C GLU A 334 5.11 5.96 18.35
N VAL A 335 4.75 7.22 18.23
CA VAL A 335 5.39 8.36 18.93
C VAL A 335 4.60 8.67 20.21
N TRP A 336 5.31 9.17 21.23
CA TRP A 336 4.65 9.48 22.52
C TRP A 336 3.75 10.69 22.38
N VAL A 337 2.56 10.57 22.96
CA VAL A 337 1.61 11.73 22.98
CA VAL A 337 1.58 11.69 22.98
C VAL A 337 1.26 11.98 24.45
N PRO A 338 1.93 13.00 25.04
CA PRO A 338 1.74 13.32 26.45
C PRO A 338 0.30 13.41 26.97
N THR A 339 -0.62 14.06 26.27
CA THR A 339 -2.02 14.24 26.78
C THR A 339 -2.81 12.94 26.74
N GLN A 340 -2.38 11.93 25.97
CA GLN A 340 -3.03 10.60 25.96
C GLN A 340 -2.25 9.61 26.80
N GLU A 341 -1.04 9.92 27.29
CA GLU A 341 -0.15 8.99 28.04
CA GLU A 341 -0.21 8.98 28.07
C GLU A 341 -0.08 7.64 27.30
N LYS A 342 0.14 7.71 25.99
CA LYS A 342 0.33 6.49 25.18
C LYS A 342 1.08 6.89 23.91
N TYR A 343 1.55 5.87 23.21
CA TYR A 343 2.19 6.03 21.89
C TYR A 343 1.10 5.95 20.85
N ARG A 344 1.31 6.70 19.77
CA ARG A 344 0.35 6.75 18.64
CA ARG A 344 0.36 6.70 18.65
C ARG A 344 1.09 6.55 17.32
N GLU A 345 0.55 5.73 16.43
CA GLU A 345 1.12 5.48 15.10
C GLU A 345 1.53 6.77 14.40
N ILE A 346 2.75 6.78 13.84
CA ILE A 346 3.30 7.90 13.02
C ILE A 346 3.87 7.35 11.71
N SER A 347 4.05 6.03 11.60
CA SER A 347 4.60 5.36 10.39
C SER A 347 4.17 3.93 10.35
N SER A 348 3.99 3.38 9.15
CA SER A 348 3.96 1.94 8.89
C SER A 348 5.08 1.63 7.90
N CYS A 349 5.90 0.65 8.18
CA CYS A 349 7.02 0.23 7.34
C CYS A 349 6.76 -1.25 6.96
N SER A 350 6.68 -1.57 5.69
CA SER A 350 6.21 -2.92 5.27
C SER A 350 7.05 -3.52 4.18
N ASN A 351 7.10 -4.87 4.24
CA ASN A 351 7.55 -5.70 3.12
C ASN A 351 6.32 -6.27 2.43
N PHE A 352 6.20 -6.11 1.11
CA PHE A 352 5.05 -6.63 0.32
C PHE A 352 5.40 -7.95 -0.36
N ASP A 353 6.62 -8.43 -0.21
CA ASP A 353 7.10 -9.59 -0.98
C ASP A 353 6.90 -9.24 -2.46
N ASN A 354 6.43 -10.13 -3.29
CA ASN A 354 6.21 -9.91 -4.72
C ASN A 354 4.75 -9.64 -5.02
N PHE A 355 3.91 -9.29 -4.04
CA PHE A 355 2.46 -9.10 -4.24
C PHE A 355 2.16 -7.93 -5.16
N GLN A 356 2.74 -6.74 -4.85
CA GLN A 356 2.59 -5.57 -5.71
C GLN A 356 3.33 -5.75 -7.05
N ALA A 357 4.52 -6.36 -6.99
CA ALA A 357 5.33 -6.59 -8.20
C ALA A 357 4.59 -7.46 -9.21
N ARG A 358 3.83 -8.45 -8.73
CA ARG A 358 3.02 -9.31 -9.66
C ARG A 358 1.89 -8.47 -10.25
N ARG A 359 1.23 -7.68 -9.42
CA ARG A 359 0.07 -6.88 -9.90
CA ARG A 359 0.07 -6.86 -9.81
C ARG A 359 0.47 -5.84 -10.91
N ALA A 360 1.65 -5.20 -10.74
CA ALA A 360 2.16 -4.10 -11.58
C ALA A 360 3.14 -4.61 -12.61
N ASN A 361 3.45 -5.92 -12.61
CA ASN A 361 4.45 -6.52 -13.51
C ASN A 361 5.82 -5.84 -13.41
N ILE A 362 6.43 -5.87 -12.24
CA ILE A 362 7.77 -5.26 -12.00
C ILE A 362 8.75 -6.41 -11.77
N ARG A 363 9.64 -6.60 -12.75
CA ARG A 363 10.53 -7.77 -12.79
C ARG A 363 11.98 -7.31 -12.91
N TYR A 364 12.86 -8.30 -12.85
CA TYR A 364 14.29 -8.09 -13.14
C TYR A 364 14.82 -9.40 -13.77
N ARG A 365 15.94 -9.25 -14.47
CA ARG A 365 16.59 -10.38 -15.16
C ARG A 365 17.57 -11.11 -14.23
N THR A 366 17.54 -12.43 -14.27
CA THR A 366 18.57 -13.27 -13.58
C THR A 366 19.13 -14.23 -14.63
N PRO A 367 20.29 -14.86 -14.32
CA PRO A 367 20.81 -15.84 -15.28
C PRO A 367 19.88 -17.00 -15.56
N GLU A 368 18.94 -17.34 -14.67
CA GLU A 368 18.01 -18.46 -14.88
C GLU A 368 16.61 -17.98 -15.30
N GLY A 369 16.47 -16.70 -15.64
CA GLY A 369 15.23 -16.13 -16.18
C GLY A 369 14.65 -15.05 -15.28
N PRO A 370 13.51 -14.49 -15.69
CA PRO A 370 12.98 -13.33 -15.00
C PRO A 370 12.34 -13.70 -13.68
N GLN A 371 12.45 -12.76 -12.74
CA GLN A 371 11.77 -12.88 -11.42
C GLN A 371 11.08 -11.57 -11.10
N PHE A 372 10.05 -11.63 -10.27
CA PHE A 372 9.47 -10.42 -9.66
C PHE A 372 10.41 -9.84 -8.62
N VAL A 373 10.50 -8.52 -8.61
CA VAL A 373 11.14 -7.83 -7.48
C VAL A 373 10.29 -7.97 -6.24
N HIS A 374 10.84 -7.62 -5.08
CA HIS A 374 10.04 -7.32 -3.88
C HIS A 374 9.95 -5.80 -3.79
N THR A 375 8.84 -5.34 -3.22
CA THR A 375 8.67 -3.92 -2.91
C THR A 375 8.46 -3.75 -1.41
N LEU A 376 8.95 -2.61 -0.92
CA LEU A 376 8.83 -2.20 0.50
C LEU A 376 8.50 -0.70 0.54
N ASN A 377 7.84 -0.25 1.60
CA ASN A 377 7.65 1.20 1.77
C ASN A 377 7.52 1.51 3.23
N GLY A 378 7.70 2.79 3.55
CA GLY A 378 7.44 3.21 4.91
C GLY A 378 7.34 4.70 5.00
N SER A 379 6.64 5.15 6.03
CA SER A 379 6.45 6.59 6.23
C SER A 379 7.70 7.15 6.88
N GLY A 380 8.25 8.24 6.40
CA GLY A 380 9.45 8.82 7.03
C GLY A 380 9.40 10.34 7.06
N LEU A 381 8.36 10.97 7.58
CA LEU A 381 7.23 10.44 8.34
C LEU A 381 5.92 11.05 7.80
N ALA A 382 4.76 10.65 8.34
CA ALA A 382 3.55 11.49 8.22
C ALA A 382 3.82 12.85 8.85
N VAL A 383 3.67 13.96 8.15
CA VAL A 383 4.16 15.27 8.62
C VAL A 383 3.21 15.82 9.68
N GLY A 384 1.91 15.79 9.45
CA GLY A 384 0.97 16.29 10.45
C GLY A 384 1.13 15.65 11.80
N ARG A 385 1.25 14.33 11.86
CA ARG A 385 1.43 13.67 13.16
C ARG A 385 2.77 14.03 13.77
N THR A 386 3.79 14.38 12.98
CA THR A 386 5.06 14.86 13.54
C THR A 386 4.83 16.24 14.14
N VAL A 387 4.08 17.13 13.50
CA VAL A 387 3.73 18.42 14.07
C VAL A 387 2.98 18.23 15.37
N VAL A 388 2.03 17.32 15.47
CA VAL A 388 1.34 17.00 16.74
C VAL A 388 2.37 16.62 17.80
N ALA A 389 3.29 15.76 17.48
CA ALA A 389 4.28 15.27 18.47
C ALA A 389 5.17 16.41 18.91
N ILE A 390 5.54 17.34 18.04
CA ILE A 390 6.39 18.50 18.42
C ILE A 390 5.60 19.44 19.33
N LEU A 391 4.41 19.86 18.93
CA LEU A 391 3.60 20.81 19.70
C LEU A 391 3.38 20.24 21.12
N GLU A 392 3.17 18.94 21.26
CA GLU A 392 2.86 18.31 22.55
CA GLU A 392 2.88 18.42 22.61
C GLU A 392 4.18 18.17 23.36
N ASN A 393 5.20 17.59 22.77
CA ASN A 393 6.40 17.16 23.54
C ASN A 393 7.33 18.34 23.81
N TYR A 394 7.27 19.42 23.02
CA TYR A 394 8.16 20.60 23.15
C TYR A 394 7.40 21.82 23.70
N GLN A 395 6.20 21.67 24.22
CA GLN A 395 5.42 22.81 24.77
C GLN A 395 6.03 23.28 26.09
N ARG A 396 5.99 24.59 26.26
CA ARG A 396 6.38 25.25 27.51
C ARG A 396 5.14 25.43 28.39
N GLU A 397 5.36 25.72 29.67
CA GLU A 397 4.23 26.02 30.58
C GLU A 397 3.40 27.19 30.05
N ASP A 398 4.01 28.20 29.41
CA ASP A 398 3.30 29.40 28.87
C ASP A 398 2.57 29.14 27.57
N GLY A 399 2.68 27.93 27.02
CA GLY A 399 1.94 27.61 25.79
C GLY A 399 2.76 27.79 24.52
N SER A 400 3.90 28.43 24.57
CA SER A 400 4.84 28.51 23.43
C SER A 400 5.54 27.17 23.24
N VAL A 401 6.12 26.95 22.08
CA VAL A 401 6.71 25.64 21.73
C VAL A 401 8.16 25.80 21.33
N VAL A 402 9.04 25.06 21.98
CA VAL A 402 10.47 25.04 21.61
C VAL A 402 10.62 24.36 20.25
N ILE A 403 11.42 24.92 19.38
CA ILE A 403 11.67 24.32 18.03
C ILE A 403 12.79 23.31 18.21
N PRO A 404 12.60 22.03 17.80
CA PRO A 404 13.63 21.02 17.84
C PRO A 404 14.92 21.52 17.16
N GLU A 405 16.03 21.25 17.81
CA GLU A 405 17.34 21.79 17.38
CA GLU A 405 17.35 21.79 17.38
C GLU A 405 17.59 21.54 15.89
N VAL A 406 17.32 20.34 15.35
CA VAL A 406 17.66 20.06 13.92
C VAL A 406 16.86 20.93 12.94
N LEU A 407 15.71 21.45 13.34
CA LEU A 407 14.85 22.23 12.42
C LEU A 407 15.23 23.70 12.44
N ARG A 408 16.03 24.14 13.43
CA ARG A 408 16.30 25.61 13.52
C ARG A 408 16.96 26.14 12.24
N PRO A 409 17.93 25.45 11.61
CA PRO A 409 18.56 25.95 10.39
C PRO A 409 17.58 26.04 9.22
N TYR A 410 16.46 25.30 9.30
CA TYR A 410 15.45 25.34 8.25
C TYR A 410 14.40 26.42 8.54
N MET A 411 14.51 27.12 9.69
CA MET A 411 13.55 28.11 10.19
C MET A 411 14.23 29.42 10.52
N GLY A 412 15.30 29.71 9.81
CA GLY A 412 15.95 31.03 9.97
C GLY A 412 16.60 31.17 11.33
N GLY A 413 16.89 30.06 12.03
CA GLY A 413 17.46 30.10 13.37
C GLY A 413 16.47 30.36 14.48
N ALA A 414 15.18 30.38 14.18
CA ALA A 414 14.15 30.53 15.23
C ALA A 414 14.31 29.41 16.25
N GLU A 415 14.07 29.72 17.52
CA GLU A 415 14.24 28.75 18.60
C GLU A 415 12.91 28.43 19.28
N VAL A 416 11.92 29.30 19.21
N VAL A 416 11.93 29.29 19.16
CA VAL A 416 10.63 29.12 19.95
CA VAL A 416 10.62 29.11 19.83
C VAL A 416 9.48 29.72 19.15
C VAL A 416 9.54 29.63 18.90
N ILE A 417 8.37 29.00 19.01
CA ILE A 417 7.14 29.55 18.41
C ILE A 417 6.34 30.19 19.53
N ARG A 418 6.07 31.47 19.42
CA ARG A 418 5.31 32.26 20.39
C ARG A 418 4.11 32.89 19.70
N PRO A 419 3.15 33.42 20.48
CA PRO A 419 2.01 34.10 19.84
C PRO A 419 2.54 35.32 19.05
N GLU A 420 1.94 35.61 17.89
CA GLU A 420 2.30 36.75 17.00
C GLU A 420 0.99 37.49 16.66
N10 SSA B . 2.49 3.93 2.13
CA SSA B . 2.40 3.51 3.55
CB SSA B . 3.64 3.95 4.35
OG SSA B . 3.63 5.42 4.40
C9 SSA B . 1.11 4.02 4.17
O9 SSA B . 0.37 4.83 3.54
N8 SSA B . 0.88 3.58 5.43
S1 SSA B . -0.32 4.10 6.29
O1S SSA B . -1.60 3.89 5.66
O2S SSA B . -0.18 3.59 7.64
O5' SSA B . -0.19 5.67 6.39
C5' SSA B . 1.09 6.22 6.77
C4' SSA B . 0.99 7.10 7.99
O4' SSA B . 0.19 8.28 7.66
C3' SSA B . 0.30 6.57 9.19
O3' SSA B . 1.15 5.68 9.93
C2' SSA B . -0.21 7.76 9.93
O2' SSA B . 0.85 8.32 10.71
C1' SSA B . -0.48 8.77 8.81
N9 SSA B . -1.92 8.82 8.46
C8 SSA B . -2.66 7.84 7.85
N7 SSA B . -3.96 8.27 7.69
C5 SSA B . -4.00 9.55 8.10
C6 SSA B . -5.00 10.61 8.09
N6 SSA B . -6.22 10.39 7.60
N1 SSA B . -4.65 11.81 8.55
C2 SSA B . -3.39 12.05 9.00
N3 SSA B . -2.39 11.16 9.02
C4 SSA B . -2.67 9.93 8.55
C1 PEG C . -4.46 -24.52 -27.68
O1 PEG C . -5.59 -24.88 -28.44
C2 PEG C . -3.44 -25.60 -27.63
O2 PEG C . -2.97 -25.78 -26.29
C3 PEG C . -1.95 -24.85 -25.92
C4 PEG C . -1.01 -24.68 -27.07
O4 PEG C . 0.22 -24.22 -26.70
C1 PEG D . 10.96 20.92 25.75
O1 PEG D . 10.40 22.23 25.70
C2 PEG D . 12.24 20.81 25.01
O2 PEG D . 12.94 22.06 24.99
C3 PEG D . 14.34 21.91 24.78
C4 PEG D . 14.57 21.21 23.48
O4 PEG D . 15.81 21.54 22.90
C1 PEG E . 16.16 22.20 1.94
O1 PEG E . 15.57 23.46 2.19
C2 PEG E . 17.68 22.17 1.94
O2 PEG E . 18.11 20.95 1.35
C3 PEG E . 18.73 21.05 0.08
C4 PEG E . 17.77 20.59 -1.01
O4 PEG E . 18.36 19.94 -2.11
S DMS F . -7.11 -8.25 4.77
O DMS F . -7.16 -6.75 4.87
C1 DMS F . -8.04 -8.94 6.10
C2 DMS F . -8.31 -8.68 3.54
S SCN G . 1.66 -17.18 -3.88
C SCN G . 2.36 -15.66 -3.94
N SCN G . 2.78 -14.58 -3.87
S SCN H . -2.42 -1.91 -0.78
C SCN H . -1.07 -1.22 -0.03
N SCN H . -0.21 -0.82 0.63
S SCN I . 4.41 22.36 2.43
C SCN I . 5.75 22.26 1.39
N SCN I . 6.65 22.11 0.66
S SCN J . 14.10 9.59 20.74
C SCN J . 14.29 10.72 21.99
N SCN J . 14.39 11.53 22.84
S SCN K . 9.88 -10.46 5.76
C SCN K . 8.63 -10.79 4.72
N SCN K . 7.73 -10.90 4.03
K K L . -7.74 -8.25 9.03
CL CL M . -8.74 -23.78 9.86
#